data_1I73
#
_entry.id   1I73
#
_cell.length_a   32.983
_cell.length_b   68.673
_cell.length_c   70.486
_cell.angle_alpha   90.00
_cell.angle_beta   90.00
_cell.angle_gamma   90.00
#
_symmetry.space_group_name_H-M   'P 21 21 21'
#
loop_
_entity.id
_entity.type
_entity.pdbx_description
1 polymer 'NEUTROPHIL COLLAGENASE'
2 polymer 'THREE RESIDUE PEPTIDE INHIBITOR'
3 non-polymer 'CALCIUM ION'
4 non-polymer 'ZINC ION'
5 water water
#
loop_
_entity_poly.entity_id
_entity_poly.type
_entity_poly.pdbx_seq_one_letter_code
_entity_poly.pdbx_strand_id
1 'polypeptide(L)'
;MLTPGNPKWERTNLTYRIRNYTPQLSEAEVERAIKDAFELWSVASPLIFTRISQGEADINIAFYQRDHGDNSPFDGPNGI
LAHAFQPGQGIGGDAHFDAEETWTNTSANYNLFLVAAHEFGHSLGLAHSSDPGALMYPNYAFRETSNYSLPQDDIDGIQA
IYG
;
A
2 'polypeptide(L)' PL(PAT) B
#
loop_
_chem_comp.id
_chem_comp.type
_chem_comp.name
_chem_comp.formula
CA non-polymer 'CALCIUM ION' 'Ca 2'
ZN non-polymer 'ZINC ION' 'Zn 2'
#
# COMPACT_ATOMS: atom_id res chain seq x y z
N MET A 1 -1.30 4.15 14.79
CA MET A 1 -1.18 5.62 14.65
C MET A 1 -2.07 6.09 13.52
N LEU A 2 -2.99 7.00 13.83
CA LEU A 2 -3.92 7.40 12.78
C LEU A 2 -3.59 8.81 12.31
N THR A 3 -3.82 9.04 11.02
CA THR A 3 -3.32 10.26 10.39
C THR A 3 -3.94 11.51 11.01
N PRO A 4 -3.19 12.59 11.16
CA PRO A 4 -3.80 13.85 11.63
C PRO A 4 -5.03 14.22 10.80
N GLY A 5 -6.14 14.50 11.47
CA GLY A 5 -7.39 14.87 10.84
C GLY A 5 -8.27 13.65 10.58
N ASN A 6 -7.70 12.50 10.91
CA ASN A 6 -8.32 11.19 10.77
C ASN A 6 -9.19 11.03 9.54
N PRO A 7 -8.59 11.24 8.36
CA PRO A 7 -9.34 10.97 7.13
C PRO A 7 -9.65 9.47 7.08
N LYS A 8 -10.86 9.14 6.72
CA LYS A 8 -11.27 7.74 6.58
C LYS A 8 -12.30 7.59 5.46
N TRP A 9 -12.37 6.39 4.90
CA TRP A 9 -13.37 6.10 3.89
C TRP A 9 -14.75 5.96 4.52
N GLU A 10 -15.81 6.42 3.86
CA GLU A 10 -17.17 6.41 4.38
C GLU A 10 -17.88 5.11 3.99
N ARG A 11 -17.35 4.44 2.97
CA ARG A 11 -17.87 3.13 2.60
C ARG A 11 -16.80 2.08 2.93
N THR A 12 -17.26 0.83 3.06
CA THR A 12 -16.27 -0.18 3.42
C THR A 12 -16.04 -1.16 2.29
N ASN A 13 -16.79 -1.03 1.19
CA ASN A 13 -16.49 -1.83 0.01
C ASN A 13 -15.79 -0.93 -1.02
N LEU A 14 -14.47 -1.05 -1.10
CA LEU A 14 -13.65 -0.12 -1.89
C LEU A 14 -13.13 -0.84 -3.13
N THR A 15 -13.01 -0.11 -4.25
CA THR A 15 -12.44 -0.78 -5.40
C THR A 15 -10.98 -0.34 -5.60
N TYR A 16 -10.26 -1.17 -6.35
CA TYR A 16 -8.88 -0.84 -6.71
C TYR A 16 -8.62 -1.21 -8.16
N ARG A 17 -7.64 -0.53 -8.76
CA ARG A 17 -7.21 -0.86 -10.10
C ARG A 17 -5.68 -0.80 -10.18
N ILE A 18 -5.07 -1.81 -10.77
CA ILE A 18 -3.66 -1.84 -11.12
C ILE A 18 -3.48 -1.28 -12.53
N ARG A 19 -2.97 -0.06 -12.63
CA ARG A 19 -2.97 0.68 -13.88
C ARG A 19 -1.88 0.22 -14.83
N ASN A 20 -0.75 -0.21 -14.27
CA ASN A 20 0.41 -0.65 -15.04
C ASN A 20 1.23 -1.61 -14.18
N TYR A 21 2.31 -2.15 -14.73
CA TYR A 21 3.07 -3.20 -14.08
C TYR A 21 4.56 -2.89 -14.08
N THR A 22 5.33 -3.72 -13.42
CA THR A 22 6.77 -3.67 -13.38
C THR A 22 7.35 -4.83 -14.17
N PRO A 23 8.39 -4.63 -14.97
CA PRO A 23 8.93 -5.76 -15.73
C PRO A 23 9.63 -6.81 -14.90
N GLN A 24 9.89 -6.54 -13.61
CA GLN A 24 10.70 -7.54 -12.91
C GLN A 24 9.94 -8.69 -12.30
N LEU A 25 8.63 -8.61 -12.37
CA LEU A 25 7.73 -9.66 -11.90
C LEU A 25 6.73 -9.89 -13.03
N SER A 26 6.18 -11.09 -13.06
CA SER A 26 5.11 -11.31 -14.03
C SER A 26 3.90 -10.48 -13.62
N GLU A 27 2.97 -10.31 -14.55
CA GLU A 27 1.74 -9.59 -14.21
C GLU A 27 0.99 -10.33 -13.11
N ALA A 28 0.92 -11.66 -13.21
CA ALA A 28 0.29 -12.48 -12.18
C ALA A 28 0.94 -12.28 -10.82
N GLU A 29 2.28 -12.18 -10.81
CA GLU A 29 2.96 -11.99 -9.52
C GLU A 29 2.67 -10.61 -8.93
N VAL A 30 2.57 -9.59 -9.78
CA VAL A 30 2.14 -8.29 -9.26
C VAL A 30 0.72 -8.30 -8.74
N GLU A 31 -0.21 -8.90 -9.48
CA GLU A 31 -1.61 -8.98 -9.05
C GLU A 31 -1.77 -9.72 -7.72
N ARG A 32 -1.01 -10.79 -7.56
CA ARG A 32 -1.03 -11.54 -6.29
C ARG A 32 -0.50 -10.70 -5.15
N ALA A 33 0.68 -10.08 -5.32
CA ALA A 33 1.24 -9.23 -4.27
C ALA A 33 0.20 -8.21 -3.80
N ILE A 34 -0.44 -7.52 -4.73
CA ILE A 34 -1.44 -6.52 -4.43
C ILE A 34 -2.68 -7.10 -3.75
N LYS A 35 -3.22 -8.18 -4.31
CA LYS A 35 -4.38 -8.84 -3.73
C LYS A 35 -4.12 -9.25 -2.29
N ASP A 36 -2.97 -9.90 -2.07
CA ASP A 36 -2.65 -10.34 -0.72
C ASP A 36 -2.43 -9.18 0.26
N ALA A 37 -1.85 -8.07 -0.22
CA ALA A 37 -1.64 -6.88 0.60
C ALA A 37 -2.97 -6.31 1.06
N PHE A 38 -3.96 -6.22 0.15
CA PHE A 38 -5.28 -5.80 0.58
C PHE A 38 -5.92 -6.77 1.56
N GLU A 39 -5.81 -8.07 1.31
CA GLU A 39 -6.44 -9.06 2.17
C GLU A 39 -5.94 -8.94 3.60
N LEU A 40 -4.70 -8.53 3.85
CA LEU A 40 -4.21 -8.41 5.22
C LEU A 40 -5.11 -7.49 6.04
N TRP A 41 -5.44 -6.37 5.42
CA TRP A 41 -6.25 -5.33 6.05
C TRP A 41 -7.71 -5.77 6.12
N SER A 42 -8.17 -6.45 5.08
CA SER A 42 -9.53 -6.94 5.03
C SER A 42 -9.82 -7.90 6.15
N VAL A 43 -8.91 -8.80 6.51
CA VAL A 43 -9.26 -9.78 7.55
C VAL A 43 -9.16 -9.21 8.96
N ALA A 44 -8.81 -7.94 9.11
CA ALA A 44 -8.68 -7.27 10.40
C ALA A 44 -9.66 -6.11 10.57
N SER A 45 -10.61 -6.01 9.66
CA SER A 45 -11.51 -4.88 9.59
C SER A 45 -12.79 -5.26 8.86
N PRO A 46 -13.73 -4.34 8.67
CA PRO A 46 -14.90 -4.66 7.83
C PRO A 46 -14.72 -4.36 6.35
N LEU A 47 -13.65 -3.71 5.96
CA LEU A 47 -13.29 -3.45 4.59
C LEU A 47 -13.27 -4.67 3.68
N ILE A 48 -13.82 -4.49 2.49
CA ILE A 48 -13.84 -5.48 1.42
C ILE A 48 -13.34 -4.81 0.15
N PHE A 49 -12.29 -5.36 -0.44
CA PHE A 49 -11.67 -4.78 -1.64
C PHE A 49 -12.07 -5.57 -2.88
N THR A 50 -12.49 -4.80 -3.88
CA THR A 50 -12.93 -5.33 -5.14
C THR A 50 -12.10 -4.74 -6.28
N ARG A 51 -11.45 -5.63 -7.02
CA ARG A 51 -10.65 -5.28 -8.16
C ARG A 51 -11.50 -4.96 -9.39
N ILE A 52 -11.08 -3.91 -10.10
CA ILE A 52 -11.63 -3.65 -11.41
C ILE A 52 -10.49 -3.56 -12.42
N SER A 53 -10.78 -3.89 -13.67
CA SER A 53 -9.73 -3.99 -14.68
C SER A 53 -9.55 -2.69 -15.46
N GLN A 54 -10.57 -1.85 -15.48
CA GLN A 54 -10.59 -0.58 -16.20
C GLN A 54 -11.55 0.39 -15.48
N GLY A 55 -11.51 1.66 -15.88
CA GLY A 55 -12.35 2.70 -15.31
C GLY A 55 -11.79 3.25 -14.01
N GLU A 56 -12.64 4.02 -13.32
CA GLU A 56 -12.24 4.70 -12.12
C GLU A 56 -12.50 3.91 -10.84
N ALA A 57 -11.45 3.61 -10.10
CA ALA A 57 -11.46 2.89 -8.84
C ALA A 57 -11.17 3.89 -7.74
N ASP A 58 -11.57 3.72 -6.48
CA ASP A 58 -11.14 4.33 -5.28
C ASP A 58 -9.61 4.34 -5.15
N ILE A 59 -8.94 3.20 -5.26
CA ILE A 59 -7.49 3.15 -5.09
C ILE A 59 -6.82 2.72 -6.38
N ASN A 60 -6.18 3.69 -7.04
CA ASN A 60 -5.33 3.42 -8.19
C ASN A 60 -3.94 3.03 -7.69
N ILE A 61 -3.41 2.05 -8.38
CA ILE A 61 -2.07 1.52 -8.14
C ILE A 61 -1.25 1.63 -9.44
N ALA A 62 -0.07 2.22 -9.31
CA ALA A 62 0.77 2.36 -10.49
C ALA A 62 2.26 2.41 -10.12
N PHE A 63 3.07 2.03 -11.09
CA PHE A 63 4.53 2.14 -11.04
C PHE A 63 4.97 3.34 -11.88
N TYR A 64 5.70 4.28 -11.27
CA TYR A 64 6.13 5.46 -11.98
C TYR A 64 7.59 5.77 -11.66
N GLN A 65 8.23 6.53 -12.54
CA GLN A 65 9.60 6.97 -12.36
C GLN A 65 9.65 8.49 -12.11
N ARG A 66 10.52 8.92 -11.22
CA ARG A 66 10.81 10.33 -11.00
C ARG A 66 9.56 11.17 -10.93
N ASP A 67 9.48 12.23 -11.73
CA ASP A 67 8.29 13.08 -11.78
C ASP A 67 7.15 12.31 -12.46
N HIS A 68 5.99 12.30 -11.82
CA HIS A 68 4.85 11.55 -12.34
C HIS A 68 3.52 12.21 -12.03
N GLY A 69 3.50 13.54 -12.01
CA GLY A 69 2.28 14.30 -12.06
C GLY A 69 1.68 14.70 -10.74
N ASP A 70 2.28 14.34 -9.60
CA ASP A 70 1.63 14.66 -8.33
C ASP A 70 2.45 15.55 -7.41
N ASN A 71 3.54 16.07 -7.93
CA ASN A 71 4.50 16.93 -7.24
C ASN A 71 5.20 16.26 -6.07
N SER A 72 5.18 14.94 -5.98
CA SER A 72 6.08 14.21 -5.09
C SER A 72 6.90 13.22 -5.92
N PRO A 73 8.00 13.66 -6.50
CA PRO A 73 8.75 12.79 -7.41
C PRO A 73 9.45 11.65 -6.69
N PHE A 74 9.59 10.53 -7.39
CA PHE A 74 10.44 9.45 -6.96
C PHE A 74 11.89 9.78 -7.26
N ASP A 75 12.79 8.95 -6.75
CA ASP A 75 14.17 9.33 -6.56
C ASP A 75 15.16 8.34 -7.14
N GLY A 76 14.75 7.43 -8.00
CA GLY A 76 15.63 6.43 -8.56
C GLY A 76 15.81 5.26 -7.61
N PRO A 77 16.75 4.37 -7.92
CA PRO A 77 16.92 3.17 -7.10
C PRO A 77 17.17 3.49 -5.63
N ASN A 78 16.56 2.70 -4.77
CA ASN A 78 16.65 2.79 -3.32
C ASN A 78 16.02 4.06 -2.80
N GLY A 79 16.24 4.46 -1.55
CA GLY A 79 15.60 5.63 -0.99
C GLY A 79 14.10 5.48 -0.84
N ILE A 80 13.32 6.41 -1.38
CA ILE A 80 11.88 6.29 -1.33
C ILE A 80 11.44 5.14 -2.25
N LEU A 81 10.63 4.23 -1.73
CA LEU A 81 10.23 3.08 -2.55
C LEU A 81 8.86 3.23 -3.19
N ALA A 82 7.98 3.98 -2.54
CA ALA A 82 6.55 4.09 -2.81
C ALA A 82 5.96 5.18 -1.93
N HIS A 83 4.75 5.61 -2.28
CA HIS A 83 4.00 6.51 -1.40
C HIS A 83 2.51 6.34 -1.65
N ALA A 84 1.70 6.83 -0.73
CA ALA A 84 0.24 6.68 -0.89
C ALA A 84 -0.49 7.85 -0.23
N PHE A 85 -1.63 8.19 -0.79
CA PHE A 85 -2.41 9.33 -0.35
C PHE A 85 -3.51 8.87 0.61
N GLN A 86 -3.77 9.74 1.58
CA GLN A 86 -4.83 9.49 2.57
C GLN A 86 -6.21 9.37 1.94
N PRO A 87 -7.16 8.73 2.61
CA PRO A 87 -8.51 8.59 2.05
C PRO A 87 -9.11 9.92 1.58
N GLY A 88 -9.74 9.89 0.41
CA GLY A 88 -10.28 11.07 -0.21
C GLY A 88 -10.69 10.76 -1.64
N GLN A 89 -11.32 11.73 -2.28
CA GLN A 89 -11.67 11.58 -3.69
C GLN A 89 -10.45 11.84 -4.56
N GLY A 90 -10.56 11.45 -5.82
CA GLY A 90 -9.47 11.70 -6.75
C GLY A 90 -8.21 10.95 -6.39
N ILE A 91 -7.10 11.66 -6.28
CA ILE A 91 -5.81 11.08 -5.92
C ILE A 91 -5.84 10.43 -4.54
N GLY A 92 -6.85 10.78 -3.73
CA GLY A 92 -6.93 10.21 -2.38
C GLY A 92 -7.01 8.71 -2.45
N GLY A 93 -6.30 8.04 -1.53
CA GLY A 93 -6.26 6.59 -1.55
C GLY A 93 -5.20 6.01 -2.46
N ASP A 94 -4.76 6.75 -3.47
CA ASP A 94 -3.95 6.11 -4.50
C ASP A 94 -2.55 5.80 -4.00
N ALA A 95 -1.94 4.77 -4.57
CA ALA A 95 -0.64 4.25 -4.17
C ALA A 95 0.29 4.13 -5.37
N HIS A 96 1.45 4.78 -5.26
CA HIS A 96 2.42 4.79 -6.36
C HIS A 96 3.70 4.08 -5.89
N PHE A 97 4.28 3.33 -6.80
CA PHE A 97 5.49 2.57 -6.52
C PHE A 97 6.60 3.05 -7.46
N ASP A 98 7.82 3.15 -6.94
CA ASP A 98 8.98 3.59 -7.70
C ASP A 98 9.37 2.53 -8.71
N ALA A 99 9.14 2.84 -9.98
CA ALA A 99 9.42 1.93 -11.07
C ALA A 99 10.89 1.57 -11.20
N GLU A 100 11.80 2.35 -10.63
CA GLU A 100 13.22 2.06 -10.73
C GLU A 100 13.76 1.10 -9.67
N GLU A 101 12.90 0.61 -8.77
CA GLU A 101 13.34 -0.38 -7.80
C GLU A 101 13.42 -1.77 -8.41
N THR A 102 14.18 -2.63 -7.73
CA THR A 102 14.11 -4.06 -7.96
C THR A 102 12.94 -4.57 -7.12
N TRP A 103 11.84 -4.98 -7.71
CA TRP A 103 10.68 -5.50 -6.99
C TRP A 103 10.70 -7.02 -7.01
N THR A 104 10.47 -7.60 -5.84
CA THR A 104 10.55 -9.05 -5.76
C THR A 104 9.33 -9.63 -5.07
N ASN A 105 9.29 -10.97 -5.03
CA ASN A 105 8.46 -11.75 -4.15
C ASN A 105 9.26 -12.73 -3.29
N THR A 106 10.46 -12.28 -2.98
CA THR A 106 11.48 -12.99 -2.22
C THR A 106 11.96 -12.18 -1.04
N SER A 107 12.97 -12.65 -0.34
CA SER A 107 13.65 -11.92 0.72
C SER A 107 14.55 -10.80 0.22
N ALA A 108 14.94 -10.78 -1.03
CA ALA A 108 15.71 -9.76 -1.70
C ALA A 108 14.98 -8.42 -1.75
N ASN A 109 15.75 -7.36 -1.53
CA ASN A 109 15.15 -6.04 -1.59
C ASN A 109 14.57 -5.76 -2.97
N TYR A 110 13.33 -5.31 -3.14
CA TYR A 110 12.25 -4.97 -2.24
C TYR A 110 11.03 -5.83 -2.53
N ASN A 111 10.54 -6.51 -1.52
CA ASN A 111 9.35 -7.35 -1.63
C ASN A 111 8.13 -6.47 -1.86
N LEU A 112 7.50 -6.60 -3.02
CA LEU A 112 6.39 -5.76 -3.41
C LEU A 112 5.19 -5.92 -2.47
N PHE A 113 4.87 -7.16 -2.11
CA PHE A 113 3.77 -7.44 -1.20
C PHE A 113 3.90 -6.66 0.11
N LEU A 114 5.10 -6.67 0.69
CA LEU A 114 5.33 -5.93 1.94
C LEU A 114 5.17 -4.44 1.78
N VAL A 115 5.80 -3.90 0.72
CA VAL A 115 5.72 -2.46 0.50
C VAL A 115 4.28 -2.06 0.22
N ALA A 116 3.60 -2.81 -0.65
CA ALA A 116 2.21 -2.44 -0.93
C ALA A 116 1.36 -2.53 0.34
N ALA A 117 1.55 -3.54 1.18
CA ALA A 117 0.78 -3.68 2.41
C ALA A 117 0.93 -2.44 3.29
N HIS A 118 2.16 -1.96 3.43
CA HIS A 118 2.44 -0.71 4.13
C HIS A 118 1.71 0.45 3.46
N GLU A 119 1.88 0.64 2.15
CA GLU A 119 1.26 1.81 1.52
C GLU A 119 -0.24 1.79 1.72
N PHE A 120 -0.86 0.61 1.60
CA PHE A 120 -2.33 0.57 1.73
C PHE A 120 -2.80 0.97 3.12
N GLY A 121 -1.94 0.77 4.12
CA GLY A 121 -2.26 1.29 5.44
C GLY A 121 -2.49 2.80 5.33
N HIS A 122 -1.59 3.48 4.63
CA HIS A 122 -1.76 4.92 4.42
C HIS A 122 -3.03 5.21 3.62
N SER A 123 -3.25 4.44 2.55
CA SER A 123 -4.45 4.59 1.73
C SER A 123 -5.73 4.52 2.57
N LEU A 124 -5.70 3.77 3.67
CA LEU A 124 -6.84 3.57 4.54
C LEU A 124 -6.89 4.53 5.73
N GLY A 125 -5.85 5.32 5.90
CA GLY A 125 -5.88 6.38 6.89
C GLY A 125 -4.94 6.19 8.06
N LEU A 126 -4.03 5.21 7.99
CA LEU A 126 -3.05 5.05 9.05
C LEU A 126 -1.83 5.93 8.78
N ALA A 127 -1.23 6.36 9.88
CA ALA A 127 0.05 7.05 9.91
C ALA A 127 1.15 6.06 10.26
N HIS A 128 2.39 6.53 10.30
CA HIS A 128 3.49 5.72 10.78
C HIS A 128 3.38 5.42 12.26
N SER A 129 3.86 4.23 12.60
CA SER A 129 3.98 3.75 13.98
C SER A 129 5.44 3.84 14.42
N SER A 130 5.68 3.99 15.72
CA SER A 130 7.02 4.00 16.29
C SER A 130 7.54 2.63 16.70
N ASP A 131 6.67 1.67 16.87
CA ASP A 131 6.88 0.24 17.01
C ASP A 131 7.65 -0.36 15.85
N PRO A 132 8.91 -0.72 16.09
CA PRO A 132 9.72 -1.27 15.01
C PRO A 132 9.22 -2.63 14.52
N GLY A 133 8.30 -3.26 15.24
CA GLY A 133 7.69 -4.49 14.74
C GLY A 133 6.46 -4.28 13.90
N ALA A 134 5.99 -3.04 13.79
CA ALA A 134 4.79 -2.76 13.05
C ALA A 134 5.03 -2.66 11.55
N LEU A 135 4.04 -3.10 10.78
CA LEU A 135 4.11 -2.91 9.32
C LEU A 135 4.18 -1.42 8.99
N MET A 136 3.50 -0.57 9.75
CA MET A 136 3.51 0.87 9.54
C MET A 136 4.71 1.61 10.11
N TYR A 137 5.74 0.90 10.55
CA TYR A 137 7.02 1.52 10.89
C TYR A 137 7.56 2.26 9.67
N PRO A 138 8.27 3.38 9.79
CA PRO A 138 8.58 4.14 8.58
C PRO A 138 9.51 3.48 7.57
N ASN A 139 10.38 2.60 8.05
CA ASN A 139 11.42 2.04 7.20
C ASN A 139 11.18 0.58 6.87
N TYR A 140 11.40 0.22 5.61
CA TYR A 140 11.27 -1.16 5.17
C TYR A 140 12.13 -2.12 5.98
N ALA A 141 11.54 -3.28 6.27
CA ALA A 141 12.23 -4.44 6.79
C ALA A 141 11.58 -5.73 6.30
N PHE A 142 12.39 -6.66 5.80
CA PHE A 142 11.80 -7.92 5.33
C PHE A 142 11.29 -8.74 6.51
N ARG A 143 10.14 -9.34 6.31
CA ARG A 143 9.54 -10.31 7.21
C ARG A 143 9.05 -11.47 6.37
N GLU A 144 9.01 -12.68 6.93
CA GLU A 144 8.49 -13.81 6.18
C GLU A 144 7.10 -13.54 5.63
N THR A 145 6.91 -13.88 4.35
CA THR A 145 5.68 -13.56 3.66
C THR A 145 4.76 -14.74 3.40
N SER A 146 5.18 -15.98 3.51
CA SER A 146 4.36 -17.11 3.02
C SER A 146 3.07 -17.31 3.79
N ASN A 147 2.98 -16.89 5.03
CA ASN A 147 1.75 -16.96 5.81
C ASN A 147 1.63 -15.67 6.66
N TYR A 148 1.95 -14.57 6.01
CA TYR A 148 2.02 -13.30 6.76
C TYR A 148 0.63 -12.88 7.22
N SER A 149 0.59 -12.35 8.40
CA SER A 149 -0.51 -11.76 9.14
C SER A 149 -0.09 -10.40 9.70
N LEU A 150 -1.04 -9.47 9.70
CA LEU A 150 -0.78 -8.13 10.24
C LEU A 150 -0.17 -8.22 11.64
N PRO A 151 0.90 -7.48 11.92
CA PRO A 151 1.34 -7.31 13.31
C PRO A 151 0.26 -6.63 14.15
N GLN A 152 0.26 -7.01 15.43
CA GLN A 152 -0.76 -6.57 16.36
C GLN A 152 -0.90 -5.07 16.40
N ASP A 153 0.17 -4.29 16.29
CA ASP A 153 0.04 -2.84 16.33
C ASP A 153 -0.77 -2.28 15.16
N ASP A 154 -0.67 -2.94 14.01
CA ASP A 154 -1.40 -2.51 12.82
C ASP A 154 -2.86 -2.94 12.86
N ILE A 155 -3.16 -4.10 13.44
CA ILE A 155 -4.55 -4.46 13.74
C ILE A 155 -5.16 -3.43 14.67
N ASP A 156 -4.43 -3.07 15.73
CA ASP A 156 -4.92 -2.03 16.62
C ASP A 156 -5.24 -0.75 15.87
N GLY A 157 -4.38 -0.37 14.92
CA GLY A 157 -4.53 0.85 14.17
C GLY A 157 -5.73 0.84 13.24
N ILE A 158 -5.95 -0.24 12.50
CA ILE A 158 -7.08 -0.22 11.57
C ILE A 158 -8.39 -0.34 12.37
N GLN A 159 -8.40 -1.12 13.45
CA GLN A 159 -9.58 -1.23 14.30
C GLN A 159 -9.96 0.09 14.94
N ALA A 160 -8.99 0.95 15.26
CA ALA A 160 -9.28 2.26 15.82
C ALA A 160 -10.03 3.15 14.83
N ILE A 161 -9.82 2.94 13.54
CA ILE A 161 -10.50 3.73 12.51
C ILE A 161 -11.83 3.10 12.12
N TYR A 162 -11.85 1.79 11.83
CA TYR A 162 -12.97 1.15 11.14
C TYR A 162 -13.73 0.13 11.97
N GLY A 163 -13.18 -0.24 13.13
CA GLY A 163 -13.71 -1.41 13.86
C GLY A 163 -13.42 -2.68 13.07
N PRO B 1 1.46 13.12 -0.06
CA PRO B 1 1.82 11.73 0.41
C PRO B 1 2.63 11.10 1.41
N LEU B 2 2.25 10.10 1.97
CA LEU B 2 3.14 9.51 2.95
C LEU B 2 3.94 8.42 2.22
N PAT B 3 5.25 8.37 2.55
CA PAT B 3 6.10 7.40 1.87
CB PAT B 3 7.52 7.82 1.62
CG PAT B 3 7.83 9.27 1.70
CD1 PAT B 3 8.41 9.90 2.77
CD2 PAT B 3 7.65 10.27 0.70
NE1 PAT B 3 8.58 11.24 2.50
CE2 PAT B 3 8.12 11.50 1.23
CE3 PAT B 3 7.15 10.28 -0.60
CZ2 PAT B 3 8.09 12.69 0.53
CZ3 PAT B 3 7.10 11.46 -1.31
CH2 PAT B 3 7.57 12.66 -0.74
P PAT B 3 5.98 5.77 2.76
O1P PAT B 3 4.61 5.19 2.52
O2P PAT B 3 6.10 6.00 4.21
O3P PAT B 3 6.92 4.78 2.14
CA CA C . -8.39 7.58 -5.46
CA CA D . 13.47 5.06 -5.03
ZN ZN E . 3.07 9.71 -6.67
ZN ZN F . 4.87 4.93 5.14
#